data_8H7F
#
_entry.id   8H7F
#
_cell.length_a   56.5018
_cell.length_b   104.976
_cell.length_c   132.487
_cell.angle_alpha   90.0
_cell.angle_beta   90.0
_cell.angle_gamma   90.0
#
_symmetry.space_group_name_H-M   'P 2 21 21'
#
loop_
_entity.id
_entity.type
_entity.pdbx_description
1 polymer 'Tyrosine-protein kinase ABL1'
2 non-polymer 1-[6-(6-methoxyisoquinolin-7-yl)-1,3-benzothiazol-2-yl]-3-(2-oxidanylideneethyl)urea
3 water water
#
_entity_poly.entity_id   1
_entity_poly.type   'polypeptide(L)'
_entity_poly.pdbx_seq_one_letter_code
;GAMGSSPNYDKWEMERTDITMKHKLGGGQYGEVYEGVWKKYSLTVAVKTLKEDTMEVEEFLKEAAVMKEIKHPNLVQLLG
VCTREPPFYIITEFMTYGNLLDYLRECNRQEVNAVVLLYMATQISSAMEYLEKKNFIHRDLAARNCLVGENHLVKVADFG
LSRLMTGDT(PTR)TAHAGAKFPIKWTAPESLAYNKFSIKSDVWAFGVLLWEIATYGMSPYPGIDLSQVYELLEKDYRME
RPEGCPEKVYELMRACWQWNPSDRPSFAEIHQAFETMFQES
;
_entity_poly.pdbx_strand_id   A,B
#
# COMPACT_ATOMS: atom_id res chain seq x y z
N TYR A 9 -10.29 -6.45 -16.28
CA TYR A 9 -10.82 -5.22 -15.71
C TYR A 9 -12.34 -5.16 -15.84
N ASP A 10 -12.81 -4.70 -17.00
CA ASP A 10 -14.23 -4.55 -17.26
C ASP A 10 -14.98 -5.88 -17.21
N LYS A 11 -14.33 -6.94 -17.66
CA LYS A 11 -14.94 -8.28 -17.67
C LYS A 11 -15.14 -8.81 -16.26
N TRP A 12 -14.36 -8.29 -15.32
CA TRP A 12 -14.42 -8.74 -13.93
C TRP A 12 -15.46 -7.99 -13.13
N GLU A 13 -15.83 -6.80 -13.60
CA GLU A 13 -16.73 -5.94 -12.85
C GLU A 13 -18.15 -6.51 -12.78
N MET A 14 -18.77 -6.36 -11.61
CA MET A 14 -20.14 -6.81 -11.40
C MET A 14 -20.83 -5.89 -10.41
N GLU A 15 -22.16 -5.86 -10.44
CA GLU A 15 -22.92 -5.00 -9.55
C GLU A 15 -23.00 -5.57 -8.15
N ARG A 16 -22.98 -4.69 -7.15
CA ARG A 16 -22.99 -5.08 -5.75
C ARG A 16 -24.27 -5.84 -5.36
N THR A 17 -25.35 -5.59 -6.10
CA THR A 17 -26.63 -6.22 -5.79
C THR A 17 -26.72 -7.64 -6.32
N ASP A 18 -25.65 -8.09 -6.98
CA ASP A 18 -25.56 -9.49 -7.40
C ASP A 18 -25.19 -10.36 -6.22
N ILE A 19 -24.71 -9.71 -5.15
CA ILE A 19 -24.24 -10.41 -3.97
C ILE A 19 -25.09 -10.07 -2.75
N THR A 20 -25.45 -11.09 -1.98
CA THR A 20 -26.06 -10.88 -0.69
C THR A 20 -25.04 -11.21 0.40
N MET A 21 -24.84 -10.28 1.33
CA MET A 21 -23.86 -10.44 2.38
C MET A 21 -24.44 -11.20 3.56
N LYS A 22 -23.63 -12.08 4.14
CA LYS A 22 -24.03 -12.79 5.35
C LYS A 22 -23.12 -12.36 6.51
N HIS A 23 -22.66 -13.32 7.30
CA HIS A 23 -21.84 -12.98 8.47
C HIS A 23 -20.36 -12.95 8.13
N LYS A 24 -19.58 -12.31 9.00
CA LYS A 24 -18.14 -12.19 8.80
C LYS A 24 -17.47 -13.55 8.93
N LEU A 25 -16.44 -13.78 8.13
CA LEU A 25 -15.69 -15.04 8.18
C LEU A 25 -14.55 -14.99 9.18
N GLY A 26 -14.38 -16.07 9.93
CA GLY A 26 -13.23 -16.25 10.80
C GLY A 26 -13.18 -15.37 12.04
N GLY A 27 -14.22 -14.59 12.28
CA GLY A 27 -14.27 -13.72 13.42
C GLY A 27 -13.29 -12.57 13.32
N GLY A 28 -12.99 -12.17 12.08
CA GLY A 28 -12.12 -11.04 11.84
C GLY A 28 -10.65 -11.37 11.64
N GLN A 29 -10.31 -12.66 11.65
CA GLN A 29 -8.92 -13.09 11.51
C GLN A 29 -8.41 -12.85 10.09
N TYR A 30 -9.32 -12.87 9.13
CA TYR A 30 -8.95 -12.63 7.74
C TYR A 30 -9.15 -11.15 7.39
N GLY A 31 -9.63 -10.38 8.35
CA GLY A 31 -9.94 -8.97 8.13
C GLY A 31 -11.41 -8.76 7.85
N GLU A 32 -11.72 -7.82 6.96
CA GLU A 32 -13.10 -7.54 6.60
C GLU A 32 -13.57 -8.46 5.48
N VAL A 33 -13.65 -9.75 5.79
CA VAL A 33 -14.09 -10.74 4.81
C VAL A 33 -15.41 -11.36 5.27
N TYR A 34 -16.41 -11.30 4.40
CA TYR A 34 -17.73 -11.80 4.74
C TYR A 34 -18.10 -12.99 3.88
N GLU A 35 -18.86 -13.93 4.44
CA GLU A 35 -19.48 -14.96 3.64
C GLU A 35 -20.60 -14.28 2.85
N GLY A 36 -20.67 -14.57 1.56
CA GLY A 36 -21.67 -13.95 0.72
C GLY A 36 -22.30 -14.94 -0.23
N VAL A 37 -23.42 -14.55 -0.83
CA VAL A 37 -24.10 -15.41 -1.78
C VAL A 37 -24.21 -14.74 -3.14
N TRP A 38 -23.65 -15.37 -4.16
CA TRP A 38 -23.86 -14.91 -5.52
C TRP A 38 -25.20 -15.45 -6.00
N LYS A 39 -26.23 -14.62 -5.87
CA LYS A 39 -27.62 -15.05 -6.05
C LYS A 39 -27.90 -15.72 -7.38
N LYS A 40 -27.42 -15.13 -8.47
CA LYS A 40 -27.63 -15.65 -9.81
C LYS A 40 -27.28 -17.13 -9.94
N TYR A 41 -26.21 -17.56 -9.28
CA TYR A 41 -25.76 -18.95 -9.35
C TYR A 41 -26.04 -19.72 -8.07
N SER A 42 -26.66 -19.05 -7.10
CA SER A 42 -26.85 -19.59 -5.75
C SER A 42 -25.54 -20.16 -5.19
N LEU A 43 -24.45 -19.44 -5.42
CA LEU A 43 -23.13 -19.88 -5.02
C LEU A 43 -22.59 -19.11 -3.83
N THR A 44 -22.12 -19.82 -2.82
CA THR A 44 -21.49 -19.18 -1.67
C THR A 44 -20.12 -18.64 -2.08
N VAL A 45 -19.88 -17.38 -1.74
CA VAL A 45 -18.65 -16.71 -2.13
C VAL A 45 -18.02 -16.01 -0.93
N ALA A 46 -16.77 -15.60 -1.08
CA ALA A 46 -16.10 -14.82 -0.05
C ALA A 46 -15.92 -13.38 -0.56
N VAL A 47 -16.36 -12.43 0.25
CA VAL A 47 -16.36 -11.03 -0.15
C VAL A 47 -15.45 -10.19 0.75
N LYS A 48 -14.39 -9.65 0.17
CA LYS A 48 -13.53 -8.74 0.90
C LYS A 48 -14.06 -7.33 0.72
N THR A 49 -14.33 -6.66 1.83
CA THR A 49 -14.86 -5.31 1.78
C THR A 49 -13.88 -4.36 2.45
N LEU A 50 -14.01 -3.06 2.15
CA LEU A 50 -13.07 -2.08 2.66
C LEU A 50 -13.69 -1.20 3.74
N ASP A 53 -11.71 3.33 7.16
CA ASP A 53 -10.72 2.60 7.93
C ASP A 53 -10.06 1.51 7.09
N THR A 54 -9.68 0.41 7.75
CA THR A 54 -9.03 -0.73 7.11
C THR A 54 -7.77 -0.31 6.33
N MET A 55 -7.52 -0.95 5.20
CA MET A 55 -6.36 -0.64 4.38
C MET A 55 -6.65 0.54 3.45
N GLU A 56 -5.63 0.99 2.72
CA GLU A 56 -5.79 2.11 1.79
C GLU A 56 -6.49 1.68 0.51
N VAL A 57 -7.23 2.61 -0.10
CA VAL A 57 -8.04 2.33 -1.27
C VAL A 57 -7.21 1.79 -2.45
N GLU A 58 -6.11 2.47 -2.77
CA GLU A 58 -5.31 2.09 -3.93
C GLU A 58 -4.61 0.75 -3.72
N GLU A 59 -4.25 0.45 -2.46
CA GLU A 59 -3.70 -0.87 -2.13
C GLU A 59 -4.77 -1.95 -2.33
N PHE A 60 -5.98 -1.68 -1.85
CA PHE A 60 -7.12 -2.57 -2.04
C PHE A 60 -7.36 -2.83 -3.52
N LEU A 61 -7.41 -1.77 -4.31
CA LEU A 61 -7.64 -1.88 -5.74
C LEU A 61 -6.52 -2.64 -6.44
N LYS A 62 -5.30 -2.51 -5.96
CA LYS A 62 -4.18 -3.21 -6.59
C LYS A 62 -4.24 -4.70 -6.29
N GLU A 63 -4.70 -5.05 -5.09
CA GLU A 63 -4.89 -6.46 -4.72
C GLU A 63 -5.80 -7.16 -5.72
N ALA A 64 -6.87 -6.46 -6.10
CA ALA A 64 -7.82 -7.01 -7.07
C ALA A 64 -7.20 -7.09 -8.46
N ALA A 65 -6.46 -6.06 -8.84
CA ALA A 65 -5.82 -6.00 -10.15
C ALA A 65 -4.85 -7.16 -10.36
N VAL A 66 -4.09 -7.48 -9.32
CA VAL A 66 -3.10 -8.55 -9.41
C VAL A 66 -3.77 -9.93 -9.53
N MET A 67 -4.83 -10.14 -8.76
CA MET A 67 -5.48 -11.45 -8.69
C MET A 67 -6.12 -11.88 -10.01
N LYS A 68 -6.58 -10.92 -10.80
CA LYS A 68 -7.18 -11.25 -12.09
C LYS A 68 -6.13 -11.67 -13.11
N GLU A 69 -4.85 -11.59 -12.72
CA GLU A 69 -3.76 -12.09 -13.54
C GLU A 69 -3.40 -13.51 -13.13
N ILE A 70 -4.00 -13.96 -12.03
CA ILE A 70 -3.64 -15.24 -11.41
C ILE A 70 -4.65 -16.35 -11.69
N LYS A 71 -4.17 -17.46 -12.25
CA LYS A 71 -5.01 -18.60 -12.52
C LYS A 71 -4.28 -19.91 -12.21
N HIS A 72 -4.63 -20.54 -11.10
CA HIS A 72 -4.00 -21.79 -10.68
C HIS A 72 -4.96 -22.54 -9.75
N PRO A 73 -5.06 -23.87 -9.92
CA PRO A 73 -6.00 -24.67 -9.14
C PRO A 73 -5.76 -24.63 -7.63
N ASN A 74 -4.56 -24.21 -7.23
CA ASN A 74 -4.24 -24.17 -5.81
C ASN A 74 -4.01 -22.74 -5.32
N LEU A 75 -4.50 -21.78 -6.09
CA LEU A 75 -4.53 -20.38 -5.65
C LEU A 75 -5.98 -19.92 -5.62
N VAL A 76 -6.36 -19.24 -4.54
CA VAL A 76 -7.74 -18.78 -4.36
C VAL A 76 -8.17 -17.93 -5.55
N GLN A 77 -9.28 -18.32 -6.17
CA GLN A 77 -9.70 -17.75 -7.44
C GLN A 77 -10.55 -16.50 -7.28
N LEU A 78 -10.21 -15.45 -8.01
CA LEU A 78 -11.02 -14.24 -8.08
C LEU A 78 -12.26 -14.52 -8.92
N LEU A 79 -13.41 -14.01 -8.48
CA LEU A 79 -14.65 -14.23 -9.20
C LEU A 79 -15.16 -12.94 -9.84
N GLY A 80 -15.01 -11.84 -9.12
CA GLY A 80 -15.41 -10.53 -9.61
C GLY A 80 -15.06 -9.42 -8.65
N VAL A 81 -15.26 -8.19 -9.08
CA VAL A 81 -14.98 -7.02 -8.24
C VAL A 81 -16.09 -5.98 -8.37
N CYS A 82 -16.22 -5.16 -7.33
CA CYS A 82 -17.13 -4.01 -7.37
C CYS A 82 -16.32 -2.74 -7.10
N THR A 83 -15.77 -2.17 -8.16
CA THR A 83 -14.87 -1.03 -8.04
C THR A 83 -15.35 0.17 -8.85
N ARG A 84 -16.60 0.59 -8.60
CA ARG A 84 -17.16 1.76 -9.26
C ARG A 84 -17.78 2.70 -8.25
N GLU A 85 -18.33 2.13 -7.18
CA GLU A 85 -18.95 2.91 -6.12
C GLU A 85 -18.76 2.22 -4.77
N PRO A 86 -18.23 2.94 -3.78
CA PRO A 86 -18.04 2.43 -2.42
C PRO A 86 -19.34 1.91 -1.81
N PRO A 87 -19.25 0.88 -0.94
CA PRO A 87 -18.02 0.20 -0.54
C PRO A 87 -17.52 -0.78 -1.62
N PHE A 88 -16.21 -0.81 -1.81
CA PHE A 88 -15.59 -1.67 -2.81
C PHE A 88 -15.58 -3.13 -2.37
N TYR A 89 -15.86 -4.03 -3.31
CA TYR A 89 -15.89 -5.46 -3.02
C TYR A 89 -14.84 -6.21 -3.84
N ILE A 90 -14.21 -7.18 -3.21
CA ILE A 90 -13.42 -8.19 -3.91
C ILE A 90 -14.10 -9.54 -3.66
N ILE A 91 -14.54 -10.19 -4.74
CA ILE A 91 -15.28 -11.44 -4.60
C ILE A 91 -14.44 -12.63 -5.04
N THR A 92 -14.20 -13.55 -4.12
CA THR A 92 -13.44 -14.75 -4.43
C THR A 92 -14.24 -15.99 -4.07
N GLU A 93 -13.78 -17.13 -4.54
CA GLU A 93 -14.42 -18.40 -4.21
C GLU A 93 -14.41 -18.63 -2.70
N PHE A 94 -15.42 -19.36 -2.24
CA PHE A 94 -15.54 -19.70 -0.82
C PHE A 94 -14.95 -21.08 -0.58
N MET A 95 -14.12 -21.20 0.44
CA MET A 95 -13.52 -22.48 0.80
C MET A 95 -14.33 -23.14 1.91
N THR A 96 -14.53 -24.44 1.79
CA THR A 96 -15.45 -25.15 2.66
C THR A 96 -15.03 -25.11 4.14
N TYR A 97 -13.77 -25.41 4.43
CA TYR A 97 -13.37 -25.65 5.81
C TYR A 97 -12.65 -24.49 6.49
N GLY A 98 -12.10 -23.56 5.71
CA GLY A 98 -11.35 -22.46 6.29
C GLY A 98 -9.86 -22.71 6.23
N ASN A 99 -9.12 -22.16 7.19
CA ASN A 99 -7.66 -22.20 7.13
C ASN A 99 -7.07 -23.55 7.52
N LEU A 100 -5.92 -23.85 6.95
CA LEU A 100 -5.24 -25.13 7.10
C LEU A 100 -4.79 -25.40 8.54
N LEU A 101 -4.48 -24.34 9.27
CA LEU A 101 -4.02 -24.48 10.64
C LEU A 101 -5.10 -25.09 11.52
N ASP A 102 -6.26 -24.46 11.57
CA ASP A 102 -7.37 -24.95 12.37
C ASP A 102 -7.86 -26.30 11.87
N TYR A 103 -7.77 -26.49 10.55
CA TYR A 103 -8.15 -27.75 9.94
C TYR A 103 -7.30 -28.90 10.45
N LEU A 104 -5.98 -28.69 10.48
CA LEU A 104 -5.05 -29.74 10.89
C LEU A 104 -5.18 -30.03 12.38
N ARG A 105 -5.45 -29.00 13.17
CA ARG A 105 -5.57 -29.17 14.61
C ARG A 105 -6.82 -29.96 14.99
N GLU A 106 -7.84 -29.87 14.15
CA GLU A 106 -9.15 -30.42 14.49
C GLU A 106 -9.51 -31.66 13.66
N CYS A 107 -8.58 -32.11 12.84
CA CYS A 107 -8.86 -33.17 11.89
C CYS A 107 -8.79 -34.57 12.50
N ASN A 108 -9.35 -35.52 11.78
CA ASN A 108 -9.16 -36.93 12.05
C ASN A 108 -7.88 -37.39 11.35
N ARG A 109 -6.86 -37.74 12.13
CA ARG A 109 -5.55 -38.03 11.59
C ARG A 109 -5.48 -39.39 10.88
N GLN A 110 -6.47 -40.24 11.11
CA GLN A 110 -6.56 -41.50 10.37
C GLN A 110 -7.00 -41.20 8.94
N GLU A 111 -7.84 -40.18 8.77
CA GLU A 111 -8.22 -39.72 7.45
C GLU A 111 -7.13 -38.82 6.87
N VAL A 112 -6.80 -37.76 7.59
CA VAL A 112 -5.70 -36.88 7.22
C VAL A 112 -4.38 -37.50 7.68
N ASN A 113 -3.95 -38.54 6.98
CA ASN A 113 -2.75 -39.27 7.35
C ASN A 113 -1.53 -38.81 6.56
N ALA A 114 -0.49 -39.63 6.58
CA ALA A 114 0.81 -39.23 6.03
C ALA A 114 0.75 -38.89 4.55
N VAL A 115 -0.04 -39.65 3.79
CA VAL A 115 -0.10 -39.44 2.35
C VAL A 115 -0.94 -38.21 2.02
N VAL A 116 -1.90 -37.89 2.88
CA VAL A 116 -2.68 -36.67 2.71
C VAL A 116 -1.79 -35.44 2.96
N LEU A 117 -0.96 -35.50 4.00
CA LEU A 117 -0.02 -34.42 4.29
C LEU A 117 0.89 -34.15 3.11
N LEU A 118 1.35 -35.22 2.47
CA LEU A 118 2.20 -35.12 1.29
C LEU A 118 1.45 -34.45 0.14
N TYR A 119 0.20 -34.83 -0.02
CA TYR A 119 -0.67 -34.28 -1.05
C TYR A 119 -0.87 -32.78 -0.84
N MET A 120 -1.05 -32.37 0.41
CA MET A 120 -1.20 -30.97 0.76
C MET A 120 0.06 -30.16 0.43
N ALA A 121 1.23 -30.74 0.73
CA ALA A 121 2.49 -30.07 0.47
C ALA A 121 2.74 -29.95 -1.04
N THR A 122 2.36 -30.99 -1.79
CA THR A 122 2.50 -30.99 -3.23
C THR A 122 1.65 -29.87 -3.85
N GLN A 123 0.44 -29.70 -3.34
CA GLN A 123 -0.47 -28.66 -3.80
C GLN A 123 0.07 -27.26 -3.53
N ILE A 124 0.49 -27.02 -2.30
CA ILE A 124 1.03 -25.73 -1.90
C ILE A 124 2.30 -25.39 -2.69
N SER A 125 3.18 -26.38 -2.85
CA SER A 125 4.42 -26.17 -3.59
C SER A 125 4.14 -25.95 -5.07
N SER A 126 3.04 -26.52 -5.56
CA SER A 126 2.63 -26.33 -6.94
C SER A 126 2.22 -24.87 -7.17
N ALA A 127 1.45 -24.31 -6.24
CA ALA A 127 1.04 -22.91 -6.33
C ALA A 127 2.24 -21.98 -6.26
N MET A 128 3.20 -22.30 -5.40
CA MET A 128 4.39 -21.46 -5.24
C MET A 128 5.31 -21.57 -6.45
N GLU A 129 5.33 -22.73 -7.09
CA GLU A 129 6.09 -22.92 -8.32
C GLU A 129 5.52 -22.03 -9.42
N TYR A 130 4.20 -21.91 -9.43
CA TYR A 130 3.50 -21.05 -10.38
C TYR A 130 3.86 -19.58 -10.13
N LEU A 131 3.73 -19.13 -8.89
CA LEU A 131 4.05 -17.76 -8.53
C LEU A 131 5.51 -17.43 -8.82
N GLU A 132 6.39 -18.40 -8.58
CA GLU A 132 7.82 -18.25 -8.85
C GLU A 132 8.04 -17.98 -10.34
N LYS A 133 7.32 -18.72 -11.18
CA LYS A 133 7.44 -18.56 -12.62
C LYS A 133 6.85 -17.24 -13.10
N LYS A 134 5.78 -16.79 -12.43
CA LYS A 134 5.10 -15.55 -12.81
C LYS A 134 5.73 -14.32 -12.17
N ASN A 135 6.90 -14.50 -11.56
CA ASN A 135 7.62 -13.41 -10.91
C ASN A 135 6.80 -12.70 -9.83
N PHE A 136 6.16 -13.48 -8.97
CA PHE A 136 5.46 -12.95 -7.81
C PHE A 136 6.11 -13.45 -6.52
N ILE A 137 5.89 -12.73 -5.43
CA ILE A 137 6.23 -13.22 -4.11
C ILE A 137 5.02 -13.10 -3.19
N HIS A 138 5.00 -13.93 -2.16
CA HIS A 138 3.84 -14.01 -1.27
C HIS A 138 4.05 -13.18 -0.01
N ARG A 139 5.18 -13.42 0.65
CA ARG A 139 5.63 -12.68 1.84
C ARG A 139 4.86 -13.00 3.12
N ASP A 140 3.90 -13.92 3.04
CA ASP A 140 3.20 -14.33 4.25
C ASP A 140 2.70 -15.78 4.14
N LEU A 141 3.57 -16.65 3.65
CA LEU A 141 3.24 -18.05 3.51
C LEU A 141 3.21 -18.72 4.89
N ALA A 142 2.06 -19.28 5.24
CA ALA A 142 1.84 -19.92 6.53
C ALA A 142 0.52 -20.69 6.49
N ALA A 143 0.32 -21.61 7.44
CA ALA A 143 -0.86 -22.46 7.44
C ALA A 143 -2.15 -21.66 7.58
N ARG A 144 -2.08 -20.55 8.32
CA ARG A 144 -3.24 -19.69 8.54
C ARG A 144 -3.68 -18.98 7.26
N ASN A 145 -2.79 -18.96 6.26
CA ASN A 145 -3.09 -18.30 4.99
C ASN A 145 -3.26 -19.31 3.86
N CYS A 146 -3.37 -20.57 4.24
CA CYS A 146 -3.80 -21.60 3.30
C CYS A 146 -5.22 -21.98 3.66
N LEU A 147 -6.02 -22.29 2.65
CA LEU A 147 -7.43 -22.60 2.88
C LEU A 147 -7.75 -23.97 2.36
N VAL A 148 -8.74 -24.61 2.96
CA VAL A 148 -9.04 -26.01 2.67
C VAL A 148 -10.46 -26.23 2.17
N GLY A 149 -10.58 -26.91 1.03
CA GLY A 149 -11.86 -27.35 0.52
C GLY A 149 -12.04 -28.84 0.80
N GLU A 150 -13.09 -29.44 0.24
CA GLU A 150 -13.33 -30.85 0.47
C GLU A 150 -12.25 -31.70 -0.20
N ASN A 151 -12.11 -32.93 0.28
CA ASN A 151 -11.15 -33.88 -0.28
C ASN A 151 -9.72 -33.36 -0.21
N HIS A 152 -9.43 -32.67 0.90
CA HIS A 152 -8.08 -32.20 1.22
C HIS A 152 -7.51 -31.29 0.15
N LEU A 153 -8.40 -30.55 -0.52
CA LEU A 153 -7.97 -29.52 -1.45
C LEU A 153 -7.41 -28.36 -0.67
N VAL A 154 -6.23 -27.88 -1.08
CA VAL A 154 -5.60 -26.75 -0.41
C VAL A 154 -5.34 -25.64 -1.42
N LYS A 155 -5.72 -24.43 -1.05
CA LYS A 155 -5.43 -23.27 -1.88
C LYS A 155 -4.70 -22.22 -1.06
N VAL A 156 -3.64 -21.67 -1.65
CA VAL A 156 -2.92 -20.58 -1.02
C VAL A 156 -3.66 -19.27 -1.27
N ALA A 157 -3.87 -18.50 -0.20
CA ALA A 157 -4.44 -17.17 -0.33
C ALA A 157 -3.44 -16.26 -1.01
N ASP A 158 -3.86 -15.58 -2.07
CA ASP A 158 -2.96 -14.77 -2.87
C ASP A 158 -3.44 -13.32 -2.96
N PHE A 159 -3.69 -12.71 -1.80
CA PHE A 159 -4.23 -11.36 -1.75
C PHE A 159 -3.14 -10.31 -1.54
N GLY A 160 -1.97 -10.74 -1.07
CA GLY A 160 -0.89 -9.81 -0.81
C GLY A 160 0.32 -10.03 -1.69
N LEU A 161 0.09 -10.48 -2.91
CA LEU A 161 1.18 -10.76 -3.84
C LEU A 161 1.88 -9.48 -4.28
N SER A 162 3.19 -9.55 -4.45
CA SER A 162 3.96 -8.43 -4.98
C SER A 162 4.67 -8.87 -6.25
N ARG A 163 4.71 -7.98 -7.23
CA ARG A 163 5.48 -8.26 -8.44
C ARG A 163 6.96 -8.10 -8.11
N LEU A 164 7.75 -9.10 -8.46
CA LEU A 164 9.18 -9.08 -8.21
C LEU A 164 9.89 -10.04 -9.17
N MET A 165 10.83 -9.52 -9.94
CA MET A 165 11.61 -10.34 -10.85
C MET A 165 12.44 -11.34 -10.05
N THR A 166 12.73 -12.49 -10.65
CA THR A 166 13.36 -13.61 -9.95
C THR A 166 14.67 -13.24 -9.26
N GLY A 167 15.48 -12.40 -9.90
CA GLY A 167 16.77 -12.04 -9.35
C GLY A 167 16.77 -10.78 -8.51
N ASP A 168 15.58 -10.25 -8.21
CA ASP A 168 15.47 -9.00 -7.49
C ASP A 168 15.00 -9.18 -6.04
N THR A 169 15.10 -8.09 -5.27
CA THR A 169 14.79 -8.13 -3.85
C THR A 169 13.74 -7.07 -3.49
N THR A 171 12.27 -4.72 -0.60
CA THR A 171 12.62 -4.17 0.70
C THR A 171 11.37 -3.64 1.37
N ALA A 172 11.00 -4.26 2.50
CA ALA A 172 9.78 -3.86 3.20
C ALA A 172 9.93 -2.46 3.80
N HIS A 173 8.81 -1.78 3.96
CA HIS A 173 8.81 -0.42 4.48
C HIS A 173 9.37 -0.34 5.90
N ALA A 174 9.86 0.83 6.27
CA ALA A 174 10.48 1.04 7.58
C ALA A 174 9.48 0.86 8.72
N GLY A 175 9.88 0.10 9.74
CA GLY A 175 9.03 -0.13 10.90
C GLY A 175 7.97 -1.19 10.70
N ALA A 176 8.15 -2.03 9.68
CA ALA A 176 7.20 -3.10 9.41
C ALA A 176 7.28 -4.20 10.46
N LYS A 177 6.12 -4.75 10.83
CA LYS A 177 6.06 -5.85 11.78
C LYS A 177 5.92 -7.17 11.05
N PHE A 178 6.76 -8.13 11.41
CA PHE A 178 6.75 -9.45 10.76
C PHE A 178 6.24 -10.53 11.71
N PRO A 179 5.61 -11.57 11.13
CA PRO A 179 5.44 -12.84 11.87
C PRO A 179 6.81 -13.49 12.01
N ILE A 180 7.48 -13.20 13.12
CA ILE A 180 8.90 -13.50 13.27
C ILE A 180 9.26 -14.97 13.03
N LYS A 181 8.41 -15.89 13.48
CA LYS A 181 8.74 -17.31 13.44
C LYS A 181 8.53 -17.95 12.07
N TRP A 182 8.03 -17.17 11.11
CA TRP A 182 7.91 -17.62 9.72
C TRP A 182 8.88 -16.85 8.83
N THR A 183 9.53 -15.85 9.41
CA THR A 183 10.27 -14.87 8.62
C THR A 183 11.74 -15.25 8.41
N ALA A 184 12.18 -15.17 7.16
CA ALA A 184 13.55 -15.48 6.79
C ALA A 184 14.53 -14.50 7.43
N PRO A 185 15.74 -14.95 7.75
CA PRO A 185 16.72 -14.13 8.47
C PRO A 185 17.11 -12.84 7.74
N GLU A 186 17.20 -12.88 6.41
CA GLU A 186 17.51 -11.67 5.65
C GLU A 186 16.35 -10.67 5.74
N SER A 187 15.15 -11.17 5.97
CA SER A 187 14.00 -10.29 6.12
C SER A 187 13.94 -9.72 7.53
N LEU A 188 14.26 -10.55 8.53
CA LEU A 188 14.27 -10.11 9.91
C LEU A 188 15.32 -9.02 10.15
N ALA A 189 16.44 -9.12 9.45
CA ALA A 189 17.58 -8.25 9.72
C ALA A 189 17.63 -7.02 8.81
N TYR A 190 17.20 -7.18 7.57
CA TYR A 190 17.35 -6.11 6.58
C TYR A 190 16.07 -5.84 5.80
N ASN A 191 14.96 -6.40 6.28
CA ASN A 191 13.65 -6.20 5.65
C ASN A 191 13.61 -6.57 4.17
N LYS A 192 14.49 -7.49 3.78
CA LYS A 192 14.61 -7.92 2.40
C LYS A 192 13.81 -9.19 2.15
N PHE A 193 13.03 -9.18 1.07
CA PHE A 193 12.20 -10.32 0.72
C PHE A 193 12.45 -10.72 -0.73
N SER A 194 12.44 -12.03 -0.98
CA SER A 194 12.53 -12.55 -2.33
C SER A 194 11.80 -13.88 -2.37
N ILE A 195 11.84 -14.55 -3.51
CA ILE A 195 11.18 -15.84 -3.62
C ILE A 195 11.87 -16.87 -2.70
N LYS A 196 13.15 -16.66 -2.42
CA LYS A 196 13.88 -17.54 -1.52
C LYS A 196 13.41 -17.35 -0.08
N SER A 197 12.87 -16.17 0.18
CA SER A 197 12.30 -15.85 1.48
C SER A 197 10.99 -16.62 1.68
N ASP A 198 10.25 -16.82 0.59
CA ASP A 198 9.04 -17.63 0.61
C ASP A 198 9.38 -19.11 0.80
N VAL A 199 10.53 -19.50 0.26
CA VAL A 199 11.04 -20.86 0.43
C VAL A 199 11.30 -21.15 1.91
N TRP A 200 11.87 -20.18 2.61
CA TRP A 200 12.07 -20.29 4.05
C TRP A 200 10.73 -20.50 4.76
N ALA A 201 9.77 -19.63 4.45
CA ALA A 201 8.45 -19.70 5.04
C ALA A 201 7.77 -21.04 4.74
N PHE A 202 7.96 -21.52 3.52
CA PHE A 202 7.42 -22.83 3.13
C PHE A 202 7.94 -23.93 4.06
N GLY A 203 9.23 -23.88 4.36
CA GLY A 203 9.85 -24.82 5.28
C GLY A 203 9.13 -24.86 6.61
N VAL A 204 8.85 -23.68 7.16
CA VAL A 204 8.09 -23.55 8.40
C VAL A 204 6.67 -24.07 8.20
N LEU A 205 6.09 -23.80 7.02
CA LEU A 205 4.76 -24.30 6.69
C LEU A 205 4.74 -25.83 6.66
N LEU A 206 5.81 -26.43 6.13
CA LEU A 206 5.97 -27.88 6.17
C LEU A 206 5.96 -28.41 7.59
N TRP A 207 6.71 -27.74 8.45
CA TRP A 207 6.81 -28.10 9.85
C TRP A 207 5.43 -28.01 10.52
N GLU A 208 4.66 -27.00 10.15
CA GLU A 208 3.29 -26.86 10.67
C GLU A 208 2.44 -28.06 10.27
N ILE A 209 2.58 -28.47 9.02
CA ILE A 209 1.80 -29.57 8.48
C ILE A 209 2.20 -30.89 9.13
N ALA A 210 3.50 -31.12 9.27
CA ALA A 210 4.01 -32.37 9.82
C ALA A 210 3.65 -32.51 11.31
N THR A 211 3.36 -31.40 11.97
CA THR A 211 3.02 -31.42 13.38
C THR A 211 1.52 -31.24 13.61
N TYR A 212 0.76 -31.22 12.52
CA TYR A 212 -0.68 -30.99 12.55
C TYR A 212 -1.05 -29.69 13.26
N GLY A 213 -0.28 -28.64 13.00
CA GLY A 213 -0.66 -27.31 13.45
C GLY A 213 -0.08 -26.85 14.77
N MET A 214 1.08 -27.39 15.13
CA MET A 214 1.78 -26.91 16.32
C MET A 214 2.41 -25.55 16.02
N SER A 215 2.59 -24.75 17.06
CA SER A 215 3.26 -23.46 16.91
C SER A 215 4.77 -23.66 16.75
N PRO A 216 5.37 -22.92 15.81
CA PRO A 216 6.81 -23.00 15.51
C PRO A 216 7.68 -22.50 16.66
N TYR A 217 8.88 -23.05 16.79
CA TYR A 217 9.81 -22.72 17.89
C TYR A 217 9.07 -22.57 19.21
N PRO A 218 8.41 -23.64 19.67
CA PRO A 218 7.52 -23.52 20.84
C PRO A 218 8.25 -23.07 22.10
N GLY A 219 7.73 -22.02 22.74
CA GLY A 219 8.28 -21.53 23.99
C GLY A 219 9.41 -20.54 23.82
N ILE A 220 10.05 -20.59 22.65
CA ILE A 220 11.20 -19.72 22.39
C ILE A 220 10.77 -18.26 22.28
N ASP A 221 11.47 -17.40 23.01
CA ASP A 221 11.17 -15.97 23.04
C ASP A 221 11.41 -15.35 21.67
N LEU A 222 10.45 -14.56 21.21
CA LEU A 222 10.48 -13.97 19.87
C LEU A 222 11.72 -13.12 19.63
N SER A 223 12.20 -12.45 20.67
CA SER A 223 13.34 -11.54 20.53
C SER A 223 14.68 -12.26 20.40
N GLN A 224 14.68 -13.57 20.61
CA GLN A 224 15.92 -14.34 20.50
C GLN A 224 15.95 -15.24 19.27
N VAL A 225 14.85 -15.25 18.51
CA VAL A 225 14.73 -16.14 17.35
C VAL A 225 15.83 -15.89 16.32
N TYR A 226 16.03 -14.63 15.95
CA TYR A 226 17.04 -14.30 14.96
C TYR A 226 18.43 -14.73 15.42
N GLU A 227 18.74 -14.48 16.69
CA GLU A 227 20.02 -14.84 17.28
C GLU A 227 20.26 -16.35 17.21
N LEU A 228 19.21 -17.11 17.49
CA LEU A 228 19.28 -18.56 17.38
C LEU A 228 19.54 -19.00 15.94
N LEU A 229 18.89 -18.33 14.98
CA LEU A 229 19.07 -18.68 13.57
C LEU A 229 20.50 -18.42 13.11
N GLU A 230 21.09 -17.32 13.57
CA GLU A 230 22.47 -16.98 13.26
C GLU A 230 23.44 -18.11 13.64
N LYS A 231 23.19 -18.71 14.81
CA LYS A 231 24.08 -19.75 15.32
C LYS A 231 23.65 -21.13 14.83
N ASP A 232 22.86 -21.14 13.76
CA ASP A 232 22.43 -22.36 13.07
C ASP A 232 21.52 -23.26 13.92
N TYR A 233 20.75 -22.66 14.80
CA TYR A 233 19.68 -23.41 15.44
C TYR A 233 18.52 -23.54 14.46
N ARG A 234 17.96 -24.74 14.38
CA ARG A 234 16.79 -25.02 13.56
C ARG A 234 15.84 -25.92 14.32
N MET A 235 14.55 -25.85 13.99
CA MET A 235 13.57 -26.72 14.62
C MET A 235 13.89 -28.20 14.39
N GLU A 236 13.65 -28.98 15.42
CA GLU A 236 13.86 -30.43 15.42
C GLU A 236 12.96 -31.13 14.41
N ARG A 237 13.36 -32.34 13.99
CA ARG A 237 12.51 -33.16 13.14
C ARG A 237 11.27 -33.54 13.93
N PRO A 238 10.08 -33.19 13.41
CA PRO A 238 8.82 -33.46 14.10
C PRO A 238 8.56 -34.96 14.30
N GLU A 239 7.70 -35.24 15.28
CA GLU A 239 7.19 -36.58 15.55
C GLU A 239 6.64 -37.26 14.31
N GLY A 240 7.17 -38.44 13.98
CA GLY A 240 6.67 -39.22 12.87
C GLY A 240 6.93 -38.63 11.49
N CYS A 241 7.72 -37.56 11.44
CA CYS A 241 8.05 -36.92 10.18
C CYS A 241 9.14 -37.68 9.43
N PRO A 242 8.88 -38.03 8.16
CA PRO A 242 9.87 -38.72 7.32
C PRO A 242 11.16 -37.92 7.22
N GLU A 243 12.29 -38.60 7.31
CA GLU A 243 13.61 -37.95 7.27
C GLU A 243 13.84 -37.19 5.97
N LYS A 244 13.31 -37.73 4.87
CA LYS A 244 13.43 -37.10 3.56
C LYS A 244 12.67 -35.77 3.52
N VAL A 245 11.50 -35.75 4.16
CA VAL A 245 10.70 -34.53 4.27
C VAL A 245 11.40 -33.50 5.15
N TYR A 246 12.01 -33.98 6.23
CA TYR A 246 12.72 -33.09 7.15
C TYR A 246 13.95 -32.49 6.50
N GLU A 247 14.55 -33.21 5.56
CA GLU A 247 15.73 -32.71 4.86
C GLU A 247 15.35 -31.59 3.91
N LEU A 248 14.14 -31.68 3.34
CA LEU A 248 13.59 -30.60 2.54
C LEU A 248 13.37 -29.36 3.40
N MET A 249 12.87 -29.58 4.62
CA MET A 249 12.69 -28.48 5.56
C MET A 249 14.01 -27.80 5.87
N ARG A 250 15.03 -28.61 6.18
CA ARG A 250 16.36 -28.09 6.51
C ARG A 250 16.97 -27.37 5.30
N ALA A 251 16.67 -27.87 4.11
CA ALA A 251 17.15 -27.24 2.89
C ALA A 251 16.51 -25.86 2.71
N CYS A 252 15.24 -25.75 3.08
CA CYS A 252 14.53 -24.48 3.02
C CYS A 252 15.09 -23.48 4.02
N TRP A 253 15.68 -23.98 5.09
CA TRP A 253 16.18 -23.14 6.17
C TRP A 253 17.69 -22.93 6.10
N GLN A 254 18.25 -23.03 4.91
CA GLN A 254 19.66 -22.69 4.70
C GLN A 254 19.83 -21.18 4.91
N TRP A 255 20.91 -20.78 5.57
CA TRP A 255 21.11 -19.36 5.88
C TRP A 255 21.23 -18.51 4.62
N ASN A 256 22.04 -18.98 3.68
CA ASN A 256 22.20 -18.30 2.41
C ASN A 256 21.02 -18.59 1.50
N PRO A 257 20.24 -17.55 1.18
CA PRO A 257 19.00 -17.72 0.39
C PRO A 257 19.25 -18.37 -0.97
N SER A 258 20.41 -18.14 -1.57
CA SER A 258 20.73 -18.72 -2.86
C SER A 258 21.01 -20.23 -2.77
N ASP A 259 21.19 -20.73 -1.55
CA ASP A 259 21.41 -22.15 -1.34
C ASP A 259 20.10 -22.90 -1.22
N ARG A 260 19.04 -22.18 -0.88
CA ARG A 260 17.71 -22.77 -0.73
C ARG A 260 17.19 -23.25 -2.08
N PRO A 261 16.40 -24.34 -2.06
CA PRO A 261 15.82 -24.88 -3.29
C PRO A 261 14.82 -23.93 -3.92
N SER A 262 14.62 -24.04 -5.23
CA SER A 262 13.53 -23.35 -5.87
C SER A 262 12.25 -24.13 -5.61
N PHE A 263 11.10 -23.50 -5.86
CA PHE A 263 9.83 -24.21 -5.68
C PHE A 263 9.63 -25.26 -6.76
N ALA A 264 10.29 -25.08 -7.91
CA ALA A 264 10.23 -26.08 -8.97
C ALA A 264 10.86 -27.40 -8.49
N GLU A 265 11.98 -27.29 -7.79
CA GLU A 265 12.65 -28.48 -7.26
C GLU A 265 11.88 -29.08 -6.09
N ILE A 266 11.35 -28.21 -5.24
CA ILE A 266 10.55 -28.63 -4.09
C ILE A 266 9.30 -29.40 -4.54
N HIS A 267 8.60 -28.86 -5.54
CA HIS A 267 7.40 -29.49 -6.05
C HIS A 267 7.71 -30.84 -6.69
N GLN A 268 8.80 -30.89 -7.45
CA GLN A 268 9.23 -32.13 -8.09
C GLN A 268 9.53 -33.21 -7.05
N ALA A 269 10.24 -32.83 -5.98
CA ALA A 269 10.56 -33.76 -4.91
C ALA A 269 9.30 -34.29 -4.22
N PHE A 270 8.33 -33.41 -3.98
CA PHE A 270 7.09 -33.82 -3.33
C PHE A 270 6.21 -34.62 -4.28
N GLU A 271 6.29 -34.31 -5.57
CA GLU A 271 5.53 -35.06 -6.58
C GLU A 271 5.98 -36.50 -6.57
N THR A 272 7.31 -36.70 -6.58
CA THR A 272 7.91 -38.02 -6.57
C THR A 272 7.46 -38.81 -5.35
N MET A 273 7.58 -38.22 -4.17
CA MET A 273 7.19 -38.87 -2.92
C MET A 273 5.72 -39.25 -2.92
N PHE A 274 4.87 -38.37 -3.44
CA PHE A 274 3.42 -38.60 -3.45
C PHE A 274 3.04 -39.69 -4.45
N GLN A 275 3.86 -39.85 -5.49
CA GLN A 275 3.62 -40.88 -6.49
C GLN A 275 4.17 -42.24 -6.05
N GLU A 276 5.06 -42.23 -5.07
CA GLU A 276 5.72 -43.46 -4.63
C GLU A 276 5.14 -43.99 -3.31
N SER A 277 4.01 -43.45 -2.89
CA SER A 277 3.36 -43.90 -1.66
C SER A 277 1.89 -44.18 -1.89
N ASP B 10 -20.16 24.10 16.43
CA ASP B 10 -20.76 22.77 16.48
C ASP B 10 -19.86 21.78 17.20
N LYS B 11 -19.88 20.53 16.74
CA LYS B 11 -19.12 19.46 17.37
C LYS B 11 -17.62 19.62 17.13
N TRP B 12 -17.26 20.45 16.16
CA TRP B 12 -15.86 20.64 15.81
C TRP B 12 -15.09 21.38 16.89
N GLU B 13 -15.73 22.34 17.55
CA GLU B 13 -15.07 23.13 18.58
C GLU B 13 -14.87 22.31 19.85
N MET B 14 -13.70 22.47 20.47
CA MET B 14 -13.34 21.72 21.67
C MET B 14 -12.83 22.63 22.78
N GLU B 15 -12.30 22.02 23.84
CA GLU B 15 -11.72 22.78 24.94
C GLU B 15 -10.28 23.19 24.61
N ARG B 16 -9.93 24.43 24.92
CA ARG B 16 -8.65 25.02 24.52
C ARG B 16 -7.43 24.21 24.99
N THR B 17 -7.48 23.68 26.20
CA THR B 17 -6.35 22.91 26.71
C THR B 17 -6.72 21.48 27.07
N ASP B 18 -7.55 20.87 26.23
CA ASP B 18 -7.69 19.42 26.23
C ASP B 18 -6.48 18.89 25.48
N ILE B 19 -5.84 19.82 24.76
CA ILE B 19 -4.54 19.61 24.17
C ILE B 19 -3.46 19.98 25.19
N THR B 20 -2.38 19.21 25.25
CA THR B 20 -1.21 19.61 25.99
C THR B 20 -0.12 20.02 25.01
N MET B 21 -0.08 21.33 24.73
CA MET B 21 0.84 21.91 23.74
C MET B 21 2.29 21.51 24.02
N LYS B 22 3.05 21.22 22.97
CA LYS B 22 4.46 20.85 23.12
C LYS B 22 5.35 21.63 22.15
N HIS B 23 6.40 20.97 21.67
CA HIS B 23 7.37 21.62 20.78
C HIS B 23 6.77 21.96 19.42
N LYS B 24 7.32 22.98 18.77
CA LYS B 24 6.89 23.37 17.44
C LYS B 24 7.31 22.30 16.43
N LEU B 25 6.57 22.20 15.32
CA LEU B 25 6.83 21.17 14.32
C LEU B 25 7.64 21.69 13.14
N GLY B 26 8.54 20.84 12.64
CA GLY B 26 9.32 21.15 11.45
C GLY B 26 10.36 22.24 11.61
N GLY B 27 10.48 22.79 12.82
CA GLY B 27 11.39 23.89 13.07
C GLY B 27 10.84 25.21 12.61
N GLY B 28 9.53 25.29 12.46
CA GLY B 28 8.85 26.52 12.10
C GLY B 28 8.68 26.72 10.60
N GLN B 29 8.87 25.65 9.83
CA GLN B 29 8.73 25.73 8.38
C GLN B 29 7.27 25.69 7.94
N TYR B 30 6.39 25.16 8.78
CA TYR B 30 4.96 25.13 8.49
C TYR B 30 4.26 26.33 9.09
N GLY B 31 5.00 27.41 9.28
CA GLY B 31 4.50 28.53 10.06
C GLY B 31 4.56 28.13 11.51
N GLU B 32 3.59 28.58 12.31
CA GLU B 32 3.59 28.26 13.72
C GLU B 32 2.64 27.10 14.01
N VAL B 33 3.09 25.90 13.69
CA VAL B 33 2.32 24.68 13.96
C VAL B 33 3.04 23.85 15.02
N TYR B 34 2.34 23.60 16.12
CA TYR B 34 2.92 22.94 17.28
C TYR B 34 2.42 21.50 17.46
N GLU B 35 3.33 20.63 17.88
CA GLU B 35 2.97 19.26 18.23
C GLU B 35 2.18 19.25 19.53
N GLY B 36 1.10 18.48 19.57
CA GLY B 36 0.24 18.43 20.74
C GLY B 36 -0.28 17.04 21.05
N VAL B 37 -0.90 16.89 22.22
CA VAL B 37 -1.48 15.61 22.62
C VAL B 37 -2.84 15.80 23.28
N TRP B 38 -3.88 15.23 22.67
CA TRP B 38 -5.19 15.21 23.32
C TRP B 38 -5.20 14.07 24.32
N LYS B 39 -5.07 14.43 25.59
CA LYS B 39 -4.84 13.47 26.67
C LYS B 39 -5.93 12.41 26.79
N LYS B 40 -7.09 12.68 26.20
CA LYS B 40 -8.21 11.75 26.23
C LYS B 40 -7.98 10.54 25.33
N TYR B 41 -6.92 10.60 24.51
CA TYR B 41 -6.61 9.51 23.59
C TYR B 41 -5.11 9.22 23.54
N SER B 42 -4.32 10.07 24.22
CA SER B 42 -2.86 10.05 24.12
C SER B 42 -2.44 10.16 22.66
N LEU B 43 -3.29 10.83 21.88
CA LEU B 43 -3.11 10.96 20.44
C LEU B 43 -2.29 12.19 20.11
N THR B 44 -1.11 11.95 19.53
CA THR B 44 -0.28 13.04 19.04
C THR B 44 -1.03 13.75 17.92
N VAL B 45 -1.08 15.07 17.98
CA VAL B 45 -1.80 15.85 16.99
C VAL B 45 -0.98 17.06 16.54
N ALA B 46 -1.50 17.77 15.55
CA ALA B 46 -0.87 18.99 15.08
C ALA B 46 -1.78 20.18 15.36
N VAL B 47 -1.23 21.22 15.96
CA VAL B 47 -2.03 22.39 16.32
C VAL B 47 -1.53 23.65 15.62
N LYS B 48 -2.39 24.23 14.78
CA LYS B 48 -2.08 25.49 14.11
C LYS B 48 -2.42 26.68 14.99
N THR B 49 -1.56 27.69 15.01
CA THR B 49 -1.73 28.81 15.92
C THR B 49 -1.87 30.14 15.20
N LEU B 50 -2.71 31.03 15.75
CA LEU B 50 -2.83 32.37 15.22
C LEU B 50 -2.15 33.37 16.16
N GLU B 56 -5.42 37.24 8.25
CA GLU B 56 -5.39 37.02 9.68
C GLU B 56 -6.64 36.29 10.16
N VAL B 57 -7.34 36.87 11.12
CA VAL B 57 -8.50 36.23 11.75
C VAL B 57 -9.58 35.82 10.75
N GLU B 58 -9.93 36.71 9.83
CA GLU B 58 -10.98 36.43 8.86
C GLU B 58 -10.55 35.31 7.93
N GLU B 59 -9.29 35.34 7.52
CA GLU B 59 -8.75 34.32 6.62
C GLU B 59 -8.51 33.01 7.36
N PHE B 60 -8.09 33.12 8.61
CA PHE B 60 -7.87 31.95 9.47
C PHE B 60 -9.15 31.16 9.66
N LEU B 61 -10.25 31.87 9.92
CA LEU B 61 -11.55 31.24 10.13
C LEU B 61 -12.09 30.61 8.85
N LYS B 62 -11.70 31.17 7.71
CA LYS B 62 -12.15 30.65 6.42
C LYS B 62 -11.54 29.28 6.13
N GLU B 63 -10.27 29.11 6.49
CA GLU B 63 -9.59 27.83 6.31
C GLU B 63 -10.23 26.75 7.15
N ALA B 64 -10.47 27.04 8.42
CA ALA B 64 -11.10 26.09 9.33
C ALA B 64 -12.48 25.68 8.84
N ALA B 65 -13.20 26.63 8.25
CA ALA B 65 -14.53 26.36 7.71
C ALA B 65 -14.47 25.39 6.54
N VAL B 66 -13.43 25.53 5.72
CA VAL B 66 -13.23 24.68 4.55
C VAL B 66 -12.93 23.24 4.95
N MET B 67 -12.03 23.08 5.92
CA MET B 67 -11.59 21.76 6.36
C MET B 67 -12.72 20.95 6.98
N LYS B 68 -13.77 21.63 7.46
CA LYS B 68 -14.93 20.95 8.03
C LYS B 68 -15.74 20.26 6.93
N GLU B 69 -15.63 20.78 5.71
CA GLU B 69 -16.37 20.23 4.56
C GLU B 69 -15.55 19.22 3.78
N ILE B 70 -14.26 19.11 4.11
CA ILE B 70 -13.35 18.23 3.37
C ILE B 70 -13.18 16.87 4.05
N LYS B 71 -13.36 15.79 3.29
CA LYS B 71 -13.23 14.44 3.83
C LYS B 71 -12.62 13.49 2.79
N HIS B 72 -11.32 13.22 2.92
CA HIS B 72 -10.64 12.34 1.99
C HIS B 72 -9.44 11.68 2.66
N PRO B 73 -9.22 10.38 2.39
CA PRO B 73 -8.12 9.63 2.99
C PRO B 73 -6.73 10.21 2.70
N ASN B 74 -6.59 11.01 1.65
CA ASN B 74 -5.29 11.57 1.31
C ASN B 74 -5.24 13.09 1.51
N LEU B 75 -6.16 13.59 2.32
CA LEU B 75 -6.13 14.98 2.76
C LEU B 75 -6.03 15.02 4.28
N VAL B 76 -5.12 15.85 4.79
CA VAL B 76 -4.92 15.98 6.23
C VAL B 76 -6.25 16.29 6.92
N GLN B 77 -6.60 15.49 7.91
CA GLN B 77 -7.95 15.55 8.47
C GLN B 77 -8.04 16.42 9.71
N LEU B 78 -9.05 17.28 9.71
CA LEU B 78 -9.35 18.15 10.84
C LEU B 78 -9.96 17.36 12.00
N LEU B 79 -9.49 17.66 13.21
CA LEU B 79 -9.98 16.97 14.40
C LEU B 79 -10.79 17.93 15.27
N GLY B 80 -10.33 19.16 15.40
CA GLY B 80 -11.01 20.14 16.21
C GLY B 80 -10.55 21.57 16.00
N VAL B 81 -11.32 22.52 16.53
CA VAL B 81 -10.99 23.93 16.43
C VAL B 81 -11.24 24.66 17.74
N CYS B 82 -10.55 25.79 17.92
CA CYS B 82 -10.72 26.63 19.12
C CYS B 82 -10.74 28.11 18.75
N TYR B 89 -7.43 28.02 17.72
CA TYR B 89 -6.49 27.00 17.29
C TYR B 89 -7.14 25.96 16.38
N ILE B 90 -6.42 25.57 15.33
CA ILE B 90 -6.88 24.51 14.43
C ILE B 90 -6.11 23.22 14.72
N ILE B 91 -6.84 22.14 14.96
CA ILE B 91 -6.23 20.87 15.32
C ILE B 91 -6.47 19.79 14.27
N THR B 92 -5.38 19.22 13.77
CA THR B 92 -5.46 18.14 12.78
C THR B 92 -4.71 16.91 13.25
N GLU B 93 -4.77 15.85 12.44
CA GLU B 93 -4.05 14.64 12.74
C GLU B 93 -2.55 14.87 12.62
N PHE B 94 -1.77 14.06 13.34
CA PHE B 94 -0.33 14.12 13.27
C PHE B 94 0.20 13.05 12.32
N MET B 95 1.02 13.46 11.36
CA MET B 95 1.61 12.51 10.42
C MET B 95 2.93 11.99 10.96
N THR B 96 3.22 10.73 10.67
CA THR B 96 4.35 10.04 11.28
C THR B 96 5.71 10.55 10.81
N TYR B 97 5.86 10.76 9.50
CA TYR B 97 7.17 11.04 8.93
C TYR B 97 7.40 12.49 8.49
N GLY B 98 6.39 13.34 8.63
CA GLY B 98 6.54 14.73 8.24
C GLY B 98 6.36 14.95 6.75
N ASN B 99 6.97 16.02 6.23
CA ASN B 99 6.77 16.41 4.84
C ASN B 99 7.47 15.48 3.84
N LEU B 100 6.90 15.39 2.66
CA LEU B 100 7.35 14.45 1.62
C LEU B 100 8.73 14.80 1.07
N LEU B 101 9.04 16.09 1.01
CA LEU B 101 10.31 16.55 0.47
C LEU B 101 11.50 16.05 1.30
N ASP B 102 11.42 16.23 2.60
CA ASP B 102 12.49 15.79 3.48
C ASP B 102 12.52 14.27 3.55
N TYR B 103 11.34 13.65 3.44
CA TYR B 103 11.21 12.21 3.47
C TYR B 103 11.95 11.55 2.31
N LEU B 104 11.70 12.05 1.10
CA LEU B 104 12.32 11.50 -0.10
C LEU B 104 13.83 11.72 -0.13
N ARG B 105 14.30 12.77 0.55
CA ARG B 105 15.72 13.06 0.58
C ARG B 105 16.48 12.13 1.51
N GLU B 106 15.79 11.60 2.50
CA GLU B 106 16.42 10.79 3.54
C GLU B 106 16.12 9.30 3.42
N CYS B 107 15.16 8.94 2.58
CA CYS B 107 14.65 7.57 2.54
C CYS B 107 15.62 6.59 1.89
N ASN B 108 15.41 5.30 2.17
CA ASN B 108 16.09 4.23 1.47
C ASN B 108 15.42 4.00 0.11
N ARG B 109 16.16 4.24 -0.96
CA ARG B 109 15.59 4.20 -2.31
C ARG B 109 15.33 2.78 -2.81
N GLN B 110 15.84 1.80 -2.07
CA GLN B 110 15.54 0.40 -2.37
C GLN B 110 14.14 0.07 -1.83
N GLU B 111 13.80 0.68 -0.70
CA GLU B 111 12.46 0.57 -0.13
C GLU B 111 11.50 1.48 -0.90
N VAL B 112 11.84 2.76 -0.99
CA VAL B 112 11.03 3.72 -1.72
C VAL B 112 11.49 3.76 -3.18
N ASN B 113 11.07 2.76 -3.94
CA ASN B 113 11.50 2.64 -5.33
C ASN B 113 10.42 3.12 -6.31
N ALA B 114 10.56 2.68 -7.57
CA ALA B 114 9.70 3.13 -8.65
C ALA B 114 8.21 2.92 -8.39
N VAL B 115 7.84 1.75 -7.88
CA VAL B 115 6.43 1.44 -7.65
C VAL B 115 5.88 2.27 -6.48
N VAL B 116 6.73 2.55 -5.49
CA VAL B 116 6.31 3.34 -4.35
C VAL B 116 6.09 4.80 -4.77
N LEU B 117 6.94 5.29 -5.67
CA LEU B 117 6.78 6.65 -6.19
C LEU B 117 5.48 6.77 -6.98
N LEU B 118 5.12 5.69 -7.68
CA LEU B 118 3.86 5.64 -8.40
C LEU B 118 2.69 5.61 -7.43
N TYR B 119 2.88 4.90 -6.32
CA TYR B 119 1.89 4.83 -5.26
C TYR B 119 1.65 6.21 -4.66
N MET B 120 2.74 6.94 -4.42
CA MET B 120 2.65 8.31 -3.90
C MET B 120 1.92 9.24 -4.85
N ALA B 121 2.26 9.16 -6.13
CA ALA B 121 1.64 10.00 -7.15
C ALA B 121 0.15 9.68 -7.29
N THR B 122 -0.20 8.40 -7.14
CA THR B 122 -1.58 7.96 -7.26
C THR B 122 -2.45 8.51 -6.11
N GLN B 123 -1.90 8.52 -4.91
CA GLN B 123 -2.60 9.05 -3.75
C GLN B 123 -2.85 10.55 -3.87
N ILE B 124 -1.80 11.28 -4.22
CA ILE B 124 -1.88 12.73 -4.37
C ILE B 124 -2.87 13.14 -5.45
N SER B 125 -2.83 12.46 -6.59
CA SER B 125 -3.74 12.78 -7.69
C SER B 125 -5.18 12.42 -7.31
N SER B 126 -5.31 11.44 -6.42
CA SER B 126 -6.63 11.04 -5.92
C SER B 126 -7.23 12.14 -5.06
N ALA B 127 -6.41 12.73 -4.21
CA ALA B 127 -6.81 13.83 -3.36
C ALA B 127 -7.21 15.04 -4.22
N MET B 128 -6.42 15.29 -5.26
CA MET B 128 -6.65 16.42 -6.14
C MET B 128 -7.89 16.23 -7.01
N GLU B 129 -8.15 14.98 -7.40
CA GLU B 129 -9.34 14.64 -8.16
C GLU B 129 -10.59 14.93 -7.32
N TYR B 130 -10.50 14.63 -6.04
CA TYR B 130 -11.56 14.90 -5.09
C TYR B 130 -11.83 16.42 -4.99
N LEU B 131 -10.76 17.20 -4.91
CA LEU B 131 -10.88 18.65 -4.84
C LEU B 131 -11.44 19.24 -6.14
N GLU B 132 -10.96 18.72 -7.27
CA GLU B 132 -11.39 19.14 -8.61
C GLU B 132 -12.90 19.02 -8.80
N LYS B 133 -13.49 18.05 -8.10
CA LYS B 133 -14.91 17.76 -8.22
C LYS B 133 -15.74 18.60 -7.23
N LYS B 134 -15.15 18.87 -6.08
CA LYS B 134 -15.82 19.67 -5.04
C LYS B 134 -15.66 21.17 -5.28
N ASN B 135 -15.20 21.53 -6.47
CA ASN B 135 -14.99 22.93 -6.85
C ASN B 135 -14.05 23.69 -5.92
N PHE B 136 -13.02 23.01 -5.42
CA PHE B 136 -11.98 23.65 -4.65
C PHE B 136 -10.71 23.73 -5.48
N ILE B 137 -9.78 24.58 -5.06
CA ILE B 137 -8.45 24.58 -5.65
C ILE B 137 -7.39 24.62 -4.55
N HIS B 138 -6.21 24.13 -4.89
CA HIS B 138 -5.09 24.06 -3.96
C HIS B 138 -3.96 24.92 -4.49
N ARG B 139 -3.76 26.09 -3.90
CA ARG B 139 -2.81 27.06 -4.47
C ARG B 139 -1.38 26.89 -3.95
N ASP B 140 -1.07 25.75 -3.36
CA ASP B 140 0.27 25.50 -2.84
C ASP B 140 0.64 24.02 -2.90
N LEU B 141 0.44 23.42 -4.06
CA LEU B 141 0.71 22.01 -4.26
C LEU B 141 2.20 21.76 -4.50
N ALA B 142 2.89 21.33 -3.46
CA ALA B 142 4.32 21.04 -3.54
C ALA B 142 4.66 19.90 -2.61
N ALA B 143 5.85 19.33 -2.76
CA ALA B 143 6.26 18.20 -1.93
C ALA B 143 6.33 18.60 -0.45
N ARG B 144 6.69 19.86 -0.19
CA ARG B 144 6.82 20.35 1.18
C ARG B 144 5.47 20.37 1.88
N ASN B 145 4.39 20.46 1.12
CA ASN B 145 3.05 20.49 1.68
C ASN B 145 2.36 19.15 1.54
N CYS B 146 3.13 18.12 1.26
CA CYS B 146 2.63 16.75 1.28
C CYS B 146 3.23 16.03 2.48
N LEU B 147 2.39 15.34 3.24
CA LEU B 147 2.84 14.71 4.47
C LEU B 147 2.80 13.19 4.36
N VAL B 148 3.74 12.55 5.05
CA VAL B 148 3.91 11.10 4.93
C VAL B 148 3.57 10.37 6.24
N GLY B 149 2.76 9.33 6.12
CA GLY B 149 2.42 8.48 7.25
C GLY B 149 3.14 7.15 7.12
N GLU B 150 2.70 6.16 7.90
CA GLU B 150 3.33 4.85 7.85
C GLU B 150 2.90 4.08 6.60
N ASN B 151 3.75 3.16 6.17
CA ASN B 151 3.53 2.36 4.97
C ASN B 151 3.31 3.22 3.72
N HIS B 152 4.07 4.29 3.62
CA HIS B 152 4.08 5.16 2.44
C HIS B 152 2.72 5.83 2.19
N LEU B 153 1.98 6.08 3.26
CA LEU B 153 0.75 6.86 3.15
C LEU B 153 1.09 8.32 2.95
N VAL B 154 0.45 8.95 1.95
CA VAL B 154 0.70 10.36 1.67
C VAL B 154 -0.60 11.16 1.75
N LYS B 155 -0.53 12.31 2.43
CA LYS B 155 -1.67 13.19 2.55
C LYS B 155 -1.30 14.62 2.17
N VAL B 156 -2.14 15.23 1.34
CA VAL B 156 -1.94 16.62 0.94
C VAL B 156 -2.45 17.55 2.03
N ALA B 157 -1.63 18.54 2.39
CA ALA B 157 -2.06 19.56 3.33
C ALA B 157 -3.15 20.41 2.66
N ASP B 158 -4.24 20.64 3.39
CA ASP B 158 -5.38 21.35 2.83
C ASP B 158 -5.79 22.52 3.71
N PHE B 159 -4.84 23.38 4.02
CA PHE B 159 -5.08 24.51 4.90
C PHE B 159 -5.22 25.82 4.12
N GLY B 160 -4.78 25.80 2.87
CA GLY B 160 -4.84 26.98 2.03
C GLY B 160 -5.79 26.81 0.86
N LEU B 161 -6.81 25.98 1.03
CA LEU B 161 -7.78 25.73 -0.03
C LEU B 161 -8.61 26.96 -0.34
N SER B 162 -9.00 27.09 -1.61
CA SER B 162 -9.89 28.16 -2.02
C SER B 162 -11.12 27.57 -2.70
N ARG B 163 -12.30 28.06 -2.31
CA ARG B 163 -13.54 27.58 -2.91
C ARG B 163 -13.88 28.39 -4.15
N LEU B 164 -14.32 27.69 -5.20
CA LEU B 164 -14.79 28.34 -6.42
C LEU B 164 -16.29 28.61 -6.35
N MET B 165 -16.65 29.83 -6.01
CA MET B 165 -18.07 30.21 -5.94
C MET B 165 -18.70 30.18 -7.33
N THR B 166 -18.01 30.82 -8.28
CA THR B 166 -18.45 30.85 -9.67
C THR B 166 -17.26 30.66 -10.59
N GLY B 167 -17.50 30.15 -11.79
CA GLY B 167 -16.45 29.98 -12.78
C GLY B 167 -15.39 28.97 -12.37
N ASP B 168 -14.27 28.96 -13.09
CA ASP B 168 -13.23 27.98 -12.84
C ASP B 168 -11.92 28.64 -12.44
N THR B 169 -11.96 29.94 -12.21
CA THR B 169 -10.77 30.71 -11.91
C THR B 169 -10.91 31.51 -10.62
N THR B 171 -8.96 34.44 -8.63
CA THR B 171 -7.93 35.48 -8.70
C THR B 171 -7.35 35.75 -7.32
N ALA B 172 -6.04 35.57 -7.19
CA ALA B 172 -5.35 35.82 -5.92
C ALA B 172 -5.28 37.31 -5.62
N HIS B 173 -5.19 37.66 -4.34
CA HIS B 173 -5.10 39.06 -3.92
C HIS B 173 -3.88 39.72 -4.51
N ALA B 174 -4.01 41.01 -4.83
CA ALA B 174 -2.93 41.77 -5.45
C ALA B 174 -1.68 41.79 -4.58
N GLY B 175 -0.53 41.51 -5.19
CA GLY B 175 0.74 41.54 -4.49
C GLY B 175 1.01 40.29 -3.67
N ALA B 176 0.30 39.21 -3.96
CA ALA B 176 0.53 37.95 -3.28
C ALA B 176 1.84 37.31 -3.76
N LYS B 177 2.57 36.69 -2.85
CA LYS B 177 3.86 36.10 -3.16
C LYS B 177 3.73 34.68 -3.71
N PHE B 178 4.41 34.41 -4.81
CA PHE B 178 4.37 33.11 -5.46
C PHE B 178 5.59 32.26 -5.15
N PRO B 179 5.41 30.93 -5.03
CA PRO B 179 6.54 30.03 -5.26
C PRO B 179 6.69 29.82 -6.75
N ILE B 180 7.56 30.61 -7.37
CA ILE B 180 7.63 30.75 -8.83
C ILE B 180 7.75 29.43 -9.59
N LYS B 181 8.62 28.55 -9.11
CA LYS B 181 8.94 27.33 -9.84
C LYS B 181 7.80 26.30 -9.82
N TRP B 182 6.84 26.47 -8.92
CA TRP B 182 5.68 25.58 -8.88
C TRP B 182 4.46 26.23 -9.50
N THR B 183 4.55 27.52 -9.76
CA THR B 183 3.39 28.30 -10.20
C THR B 183 3.19 28.29 -11.71
N ALA B 184 1.97 27.99 -12.14
CA ALA B 184 1.63 27.98 -13.56
C ALA B 184 1.82 29.36 -14.18
N PRO B 185 2.18 29.40 -15.46
CA PRO B 185 2.46 30.66 -16.16
C PRO B 185 1.35 31.70 -16.10
N GLU B 186 0.10 31.27 -16.29
CA GLU B 186 -1.03 32.21 -16.23
C GLU B 186 -1.20 32.79 -14.82
N SER B 187 -0.75 32.04 -13.82
CA SER B 187 -0.88 32.47 -12.44
C SER B 187 0.23 33.46 -12.08
N LEU B 188 1.39 33.30 -12.70
CA LEU B 188 2.51 34.22 -12.49
C LEU B 188 2.23 35.55 -13.18
N ALA B 189 1.54 35.49 -14.31
CA ALA B 189 1.27 36.67 -15.12
C ALA B 189 0.02 37.43 -14.68
N TYR B 190 -1.07 36.71 -14.42
CA TYR B 190 -2.36 37.34 -14.16
C TYR B 190 -2.95 37.03 -12.78
N ASN B 191 -2.18 36.37 -11.93
CA ASN B 191 -2.66 35.93 -10.61
C ASN B 191 -3.94 35.09 -10.68
N LYS B 192 -4.14 34.41 -11.80
CA LYS B 192 -5.31 33.53 -11.98
C LYS B 192 -4.96 32.10 -11.58
N PHE B 193 -5.75 31.55 -10.66
CA PHE B 193 -5.55 30.17 -10.23
C PHE B 193 -6.76 29.30 -10.58
N SER B 194 -6.48 28.14 -11.14
CA SER B 194 -7.54 27.19 -11.49
C SER B 194 -7.11 25.79 -11.10
N ILE B 195 -7.95 24.81 -11.39
CA ILE B 195 -7.58 23.42 -11.15
C ILE B 195 -6.49 23.03 -12.15
N LYS B 196 -6.46 23.70 -13.29
CA LYS B 196 -5.46 23.46 -14.32
C LYS B 196 -4.10 24.02 -13.91
N SER B 197 -4.09 25.03 -13.05
CA SER B 197 -2.82 25.53 -12.53
C SER B 197 -2.32 24.61 -11.43
N ASP B 198 -3.23 23.85 -10.84
CA ASP B 198 -2.85 22.83 -9.87
C ASP B 198 -2.26 21.63 -10.58
N VAL B 199 -2.78 21.35 -11.77
CA VAL B 199 -2.22 20.31 -12.63
C VAL B 199 -0.76 20.64 -12.95
N TRP B 200 -0.49 21.91 -13.25
CA TRP B 200 0.88 22.36 -13.52
C TRP B 200 1.78 22.09 -12.31
N ALA B 201 1.31 22.51 -11.14
CA ALA B 201 2.07 22.33 -9.91
C ALA B 201 2.27 20.84 -9.60
N PHE B 202 1.27 20.04 -9.94
CA PHE B 202 1.36 18.60 -9.75
C PHE B 202 2.51 18.03 -10.58
N GLY B 203 2.63 18.51 -11.83
CA GLY B 203 3.72 18.11 -12.71
C GLY B 203 5.07 18.37 -12.10
N VAL B 204 5.25 19.57 -11.53
CA VAL B 204 6.49 19.91 -10.84
C VAL B 204 6.71 19.00 -9.64
N LEU B 205 5.62 18.72 -8.92
CA LEU B 205 5.65 17.80 -7.78
C LEU B 205 6.11 16.41 -8.23
N LEU B 206 5.63 15.98 -9.39
CA LEU B 206 6.06 14.70 -9.97
C LEU B 206 7.57 14.68 -10.19
N TRP B 207 8.09 15.79 -10.67
CA TRP B 207 9.51 15.92 -10.92
C TRP B 207 10.28 15.88 -9.60
N GLU B 208 9.73 16.51 -8.58
CA GLU B 208 10.31 16.46 -7.24
C GLU B 208 10.37 15.03 -6.73
N ILE B 209 9.30 14.29 -6.99
CA ILE B 209 9.21 12.90 -6.57
C ILE B 209 10.20 12.03 -7.34
N ALA B 210 10.21 12.18 -8.66
CA ALA B 210 11.07 11.38 -9.52
C ALA B 210 12.55 11.60 -9.24
N THR B 211 12.91 12.77 -8.72
CA THR B 211 14.30 13.11 -8.43
C THR B 211 14.65 12.95 -6.96
N TYR B 212 13.69 12.42 -6.19
CA TYR B 212 13.85 12.20 -4.75
C TYR B 212 14.16 13.49 -3.98
N GLY B 213 13.51 14.58 -4.36
CA GLY B 213 13.57 15.80 -3.58
C GLY B 213 14.51 16.89 -4.09
N MET B 214 14.85 16.85 -5.38
CA MET B 214 15.66 17.91 -5.97
C MET B 214 14.81 19.16 -6.20
N SER B 215 15.43 20.33 -6.06
CA SER B 215 14.74 21.58 -6.31
C SER B 215 14.58 21.79 -7.81
N PRO B 216 13.38 22.23 -8.23
CA PRO B 216 13.05 22.42 -9.65
C PRO B 216 13.94 23.48 -10.31
N TYR B 217 14.16 23.34 -11.61
CA TYR B 217 15.00 24.25 -12.39
C TYR B 217 16.29 24.62 -11.66
N PRO B 218 17.13 23.62 -11.35
CA PRO B 218 18.36 23.90 -10.61
C PRO B 218 19.30 24.83 -11.37
N GLY B 219 19.79 25.87 -10.69
CA GLY B 219 20.75 26.77 -11.28
C GLY B 219 20.13 27.93 -12.03
N ILE B 220 18.83 27.83 -12.31
CA ILE B 220 18.11 28.91 -12.98
C ILE B 220 17.53 29.86 -11.95
N ASP B 221 17.81 31.15 -12.11
CA ASP B 221 17.35 32.13 -11.14
C ASP B 221 15.87 32.39 -11.34
N LEU B 222 15.16 32.60 -10.23
CA LEU B 222 13.74 32.92 -10.25
C LEU B 222 13.42 34.08 -11.18
N SER B 223 14.36 35.01 -11.30
CA SER B 223 14.24 36.19 -12.16
C SER B 223 13.65 35.88 -13.52
N GLN B 224 14.12 34.81 -14.16
CA GLN B 224 13.54 34.43 -15.43
C GLN B 224 13.20 32.95 -15.53
N VAL B 225 12.31 32.47 -14.67
CA VAL B 225 11.66 31.19 -14.87
C VAL B 225 10.54 31.41 -15.90
N TYR B 226 9.91 32.58 -15.82
CA TYR B 226 8.73 32.85 -16.66
C TYR B 226 9.05 32.82 -18.15
N GLU B 227 9.86 33.78 -18.63
CA GLU B 227 10.09 33.92 -20.07
C GLU B 227 10.59 32.62 -20.70
N LEU B 228 11.35 31.84 -19.93
CA LEU B 228 11.80 30.53 -20.38
C LEU B 228 10.62 29.63 -20.73
N LEU B 229 9.55 29.71 -19.94
CA LEU B 229 8.38 28.86 -20.14
C LEU B 229 7.59 29.15 -21.43
N GLU B 230 7.55 30.41 -21.86
CA GLU B 230 6.84 30.74 -23.10
C GLU B 230 7.71 30.39 -24.28
N LYS B 231 9.02 30.40 -24.07
CA LYS B 231 9.96 29.93 -25.08
C LYS B 231 10.03 28.40 -25.05
N ASP B 232 9.00 27.78 -24.47
CA ASP B 232 8.80 26.33 -24.47
C ASP B 232 9.90 25.54 -23.78
N TYR B 233 10.58 26.15 -22.82
CA TYR B 233 11.56 25.43 -22.02
C TYR B 233 10.85 24.64 -20.92
N ARG B 234 11.15 23.35 -20.83
CA ARG B 234 10.63 22.49 -19.77
C ARG B 234 11.76 21.68 -19.16
N MET B 235 11.62 21.31 -17.89
CA MET B 235 12.59 20.44 -17.25
C MET B 235 12.68 19.11 -17.99
N GLU B 236 13.88 18.55 -18.05
CA GLU B 236 14.11 17.32 -18.78
C GLU B 236 13.83 16.10 -17.92
N ARG B 237 13.66 14.95 -18.57
CA ARG B 237 13.38 13.71 -17.87
C ARG B 237 14.54 13.33 -16.96
N PRO B 238 14.26 13.21 -15.66
CA PRO B 238 15.26 12.72 -14.70
C PRO B 238 15.60 11.28 -15.00
N GLU B 239 16.83 10.86 -14.74
CA GLU B 239 17.17 9.47 -14.96
C GLU B 239 16.57 8.60 -13.86
N GLY B 240 16.01 7.47 -14.26
CA GLY B 240 15.25 6.62 -13.37
C GLY B 240 13.77 6.76 -13.64
N CYS B 241 13.40 7.89 -14.24
CA CYS B 241 12.01 8.22 -14.51
C CYS B 241 11.50 7.55 -15.78
N PRO B 242 10.45 6.71 -15.66
CA PRO B 242 9.82 6.05 -16.79
C PRO B 242 9.32 7.06 -17.82
N GLU B 243 9.39 6.71 -19.10
CA GLU B 243 8.99 7.63 -20.16
C GLU B 243 7.54 8.08 -19.97
N LYS B 244 6.64 7.12 -19.78
CA LYS B 244 5.22 7.41 -19.62
C LYS B 244 4.94 8.38 -18.49
N VAL B 245 5.74 8.31 -17.43
CA VAL B 245 5.63 9.26 -16.33
C VAL B 245 6.06 10.66 -16.79
N TYR B 246 7.13 10.72 -17.58
CA TYR B 246 7.64 11.99 -18.07
C TYR B 246 6.67 12.67 -19.06
N GLU B 247 5.99 11.87 -19.88
CA GLU B 247 4.98 12.44 -20.79
C GLU B 247 3.82 13.05 -20.01
N LEU B 248 3.49 12.43 -18.87
CA LEU B 248 2.47 12.99 -17.99
C LEU B 248 2.94 14.31 -17.40
N MET B 249 4.22 14.39 -17.08
CA MET B 249 4.81 15.64 -16.59
C MET B 249 4.70 16.73 -17.65
N ARG B 250 5.07 16.39 -18.88
CA ARG B 250 5.03 17.34 -19.99
C ARG B 250 3.59 17.75 -20.31
N ALA B 251 2.65 16.82 -20.10
CA ALA B 251 1.24 17.11 -20.33
C ALA B 251 0.74 18.14 -19.32
N CYS B 252 1.15 17.97 -18.06
CA CYS B 252 0.79 18.92 -17.00
C CYS B 252 1.37 20.30 -17.27
N TRP B 253 2.43 20.35 -18.05
CA TRP B 253 3.16 21.58 -18.27
C TRP B 253 2.84 22.22 -19.62
N GLN B 254 1.68 21.87 -20.17
CA GLN B 254 1.21 22.49 -21.40
C GLN B 254 0.93 23.96 -21.13
N TRP B 255 1.33 24.82 -22.08
CA TRP B 255 1.20 26.26 -21.87
C TRP B 255 -0.26 26.68 -21.71
N ASN B 256 -1.10 26.27 -22.66
CA ASN B 256 -2.52 26.52 -22.58
C ASN B 256 -3.17 25.58 -21.58
N PRO B 257 -3.68 26.13 -20.47
CA PRO B 257 -4.26 25.34 -19.37
C PRO B 257 -5.39 24.41 -19.81
N SER B 258 -6.07 24.73 -20.91
CA SER B 258 -7.13 23.86 -21.40
C SER B 258 -6.58 22.58 -22.03
N ASP B 259 -5.28 22.59 -22.32
CA ASP B 259 -4.64 21.42 -22.94
C ASP B 259 -4.03 20.50 -21.89
N ARG B 260 -3.97 20.98 -20.65
CA ARG B 260 -3.50 20.15 -19.54
C ARG B 260 -4.57 19.13 -19.16
N PRO B 261 -4.16 17.91 -18.83
CA PRO B 261 -5.12 16.86 -18.46
C PRO B 261 -5.82 17.17 -17.15
N SER B 262 -6.99 16.57 -16.96
CA SER B 262 -7.71 16.69 -15.70
C SER B 262 -7.07 15.77 -14.66
N PHE B 263 -7.35 16.05 -13.39
CA PHE B 263 -6.85 15.20 -12.32
C PHE B 263 -7.48 13.82 -12.38
N ALA B 264 -8.65 13.72 -12.99
CA ALA B 264 -9.30 12.43 -13.18
C ALA B 264 -8.49 11.56 -14.13
N GLU B 265 -8.11 12.14 -15.27
CA GLU B 265 -7.27 11.44 -16.24
C GLU B 265 -5.89 11.13 -15.65
N ILE B 266 -5.34 12.08 -14.91
CA ILE B 266 -4.04 11.89 -14.29
C ILE B 266 -4.07 10.72 -13.30
N HIS B 267 -5.10 10.69 -12.46
CA HIS B 267 -5.25 9.62 -11.48
C HIS B 267 -5.37 8.26 -12.14
N GLN B 268 -6.16 8.21 -13.21
CA GLN B 268 -6.37 6.96 -13.94
C GLN B 268 -5.07 6.46 -14.58
N ALA B 269 -4.25 7.40 -15.05
CA ALA B 269 -2.97 7.02 -15.66
C ALA B 269 -2.01 6.44 -14.62
N PHE B 270 -1.92 7.08 -13.46
CA PHE B 270 -1.02 6.62 -12.42
C PHE B 270 -1.55 5.36 -11.73
N GLU B 271 -2.86 5.27 -11.62
CA GLU B 271 -3.48 4.08 -11.03
C GLU B 271 -3.12 2.86 -11.86
N THR B 272 -3.30 2.97 -13.17
CA THR B 272 -3.00 1.88 -14.10
C THR B 272 -1.54 1.44 -14.02
N MET B 273 -0.63 2.41 -14.01
CA MET B 273 0.80 2.11 -13.93
C MET B 273 1.17 1.47 -12.59
N PHE B 274 0.58 1.99 -11.52
CA PHE B 274 0.84 1.48 -10.18
C PHE B 274 0.41 0.02 -10.05
N GLN B 275 -0.75 -0.30 -10.63
CA GLN B 275 -1.29 -1.65 -10.53
C GLN B 275 -0.52 -2.65 -11.40
N GLU B 276 -0.04 -2.18 -12.54
CA GLU B 276 0.74 -3.04 -13.44
C GLU B 276 2.16 -3.23 -12.93
N SER B 277 2.49 -2.54 -11.85
CA SER B 277 3.81 -2.65 -11.24
C SER B 277 3.74 -3.39 -9.90
#